data_6LBX
#
_entry.id   6LBX
#
_cell.length_a   44.659
_cell.length_b   80.071
_cell.length_c   108.406
_cell.angle_alpha   90.000
_cell.angle_beta   90.000
_cell.angle_gamma   90.000
#
_symmetry.space_group_name_H-M   'P 21 21 21'
#
loop_
_entity.id
_entity.type
_entity.pdbx_description
1 polymer 'Repebody (Rb-H2)'
2 polymer 'Receptor tyrosine-protein kinase erbB-2'
3 non-polymer 2-acetamido-2-deoxy-beta-D-glucopyranose
4 water water
#
loop_
_entity_poly.entity_id
_entity_poly.type
_entity_poly.pdbx_seq_one_letter_code
_entity_poly.pdbx_strand_id
1 'polypeptide(L)'
;METITVSTPIKQIFPDDAFAETIKANLKKKSVTDAVTQNELNSIDLISAPHSDIKSVQGIQYLPNVRLLYLGGNKLHDIS
ALKELTNLTTLILSGNQLQSLPNGVFDKLTNLKVLWLSVNQLQSLPDGVFDKLTNLTSLRLHRNQLQSLPKGVFDKLTNL
TVLRLSENQLQSLPEGVFDKLTQLKVLWLGRNQLKSVPDGVFDRLTSLQYIWLHDNPWDCTCPGIRYLSEWINKHSGVVR
NSAGSVAPDSAKCSGSGKPVRSIICPTLEHHHHHH
;
A
2 'polypeptide(L)'
;QCSQFLRGQECVEECRVLQGLPREYVNARHCLPCHPECQPQNGSVTCFGPEADQCVACAHYKDPPFCVARCPSGVKPDLS
YMPIWKFPDEEGACQPC
;
B
#
# COMPACT_ATOMS: atom_id res chain seq x y z
N GLU A 2 17.26 -3.75 -21.73
CA GLU A 2 17.32 -5.06 -22.37
C GLU A 2 16.43 -5.14 -23.60
N THR A 3 16.96 -5.76 -24.67
CA THR A 3 16.35 -5.78 -25.99
C THR A 3 16.54 -7.15 -26.64
N ILE A 4 15.48 -7.70 -27.25
CA ILE A 4 15.63 -8.86 -28.13
C ILE A 4 15.93 -8.36 -29.53
N THR A 5 16.87 -9.02 -30.19
CA THR A 5 17.37 -8.58 -31.49
C THR A 5 16.67 -9.26 -32.66
N VAL A 6 16.06 -10.41 -32.43
CA VAL A 6 15.37 -11.18 -33.46
C VAL A 6 14.06 -11.65 -32.88
N SER A 7 13.06 -11.82 -33.76
CA SER A 7 11.74 -12.26 -33.33
C SER A 7 11.86 -13.56 -32.54
N THR A 8 11.15 -13.62 -31.41
CA THR A 8 11.32 -14.74 -30.50
C THR A 8 9.96 -15.16 -29.95
N PRO A 9 9.71 -16.47 -29.85
CA PRO A 9 8.46 -16.95 -29.25
C PRO A 9 8.23 -16.36 -27.86
N ILE A 10 6.97 -15.97 -27.60
CA ILE A 10 6.60 -15.49 -26.27
C ILE A 10 7.02 -16.48 -25.21
N LYS A 11 6.70 -17.77 -25.43
CA LYS A 11 7.02 -18.84 -24.50
C LYS A 11 8.50 -18.87 -24.14
N GLN A 12 9.36 -18.39 -25.03
CA GLN A 12 10.79 -18.45 -24.76
C GLN A 12 11.26 -17.23 -23.99
N ILE A 13 10.64 -16.07 -24.22
CA ILE A 13 11.05 -14.87 -23.49
C ILE A 13 10.54 -14.93 -22.06
N PHE A 14 9.30 -15.39 -21.88
CA PHE A 14 8.62 -15.47 -20.59
C PHE A 14 8.40 -16.94 -20.25
N PRO A 15 9.33 -17.58 -19.53
CA PRO A 15 9.21 -19.03 -19.32
C PRO A 15 8.04 -19.45 -18.45
N ASP A 16 7.44 -18.56 -17.67
CA ASP A 16 6.29 -18.92 -16.84
C ASP A 16 5.05 -19.05 -17.72
N ASP A 17 4.34 -20.18 -17.59
CA ASP A 17 3.22 -20.43 -18.48
C ASP A 17 2.13 -19.40 -18.31
N ALA A 18 1.79 -19.08 -17.06
CA ALA A 18 0.78 -18.05 -16.81
C ALA A 18 1.23 -16.70 -17.37
N PHE A 19 2.47 -16.29 -17.07
CA PHE A 19 2.92 -14.97 -17.53
C PHE A 19 3.02 -14.94 -19.05
N ALA A 20 3.43 -16.03 -19.69
CA ALA A 20 3.42 -16.03 -21.15
C ALA A 20 1.99 -15.84 -21.68
N GLU A 21 1.03 -16.57 -21.10
CA GLU A 21 -0.37 -16.34 -21.46
C GLU A 21 -0.73 -14.88 -21.30
N THR A 22 -0.26 -14.25 -20.21
CA THR A 22 -0.56 -12.86 -19.94
C THR A 22 -0.04 -11.95 -21.03
N ILE A 23 1.23 -12.12 -21.40
CA ILE A 23 1.79 -11.31 -22.47
C ILE A 23 1.01 -11.51 -23.76
N LYS A 24 0.65 -12.77 -24.06
CA LYS A 24 -0.08 -13.05 -25.30
C LYS A 24 -1.40 -12.30 -25.33
N ALA A 25 -2.20 -12.44 -24.27
CA ALA A 25 -3.46 -11.71 -24.23
C ALA A 25 -3.22 -10.21 -24.32
N ASN A 26 -2.20 -9.72 -23.62
CA ASN A 26 -1.90 -8.29 -23.65
C ASN A 26 -1.60 -7.82 -25.07
N LEU A 27 -0.75 -8.54 -25.79
CA LEU A 27 -0.43 -8.20 -27.16
C LEU A 27 -1.46 -8.73 -28.14
N LYS A 28 -2.53 -9.36 -27.64
CA LYS A 28 -3.59 -9.90 -28.48
C LYS A 28 -3.05 -10.90 -29.51
N LYS A 29 -2.04 -11.69 -29.12
CA LYS A 29 -1.58 -12.72 -30.03
C LYS A 29 -2.49 -13.94 -29.95
N LYS A 30 -2.26 -14.89 -30.85
CA LYS A 30 -3.13 -16.06 -30.88
C LYS A 30 -2.61 -17.21 -30.03
N SER A 31 -1.31 -17.23 -29.74
CA SER A 31 -0.78 -18.30 -28.90
C SER A 31 0.60 -17.92 -28.42
N VAL A 32 0.98 -18.47 -27.26
CA VAL A 32 2.28 -18.17 -26.67
C VAL A 32 3.43 -18.67 -27.52
N THR A 33 3.16 -19.49 -28.54
CA THR A 33 4.21 -19.90 -29.47
C THR A 33 4.50 -18.82 -30.51
N ASP A 34 3.64 -17.82 -30.64
CA ASP A 34 3.88 -16.74 -31.60
C ASP A 34 5.17 -16.01 -31.28
N ALA A 35 5.92 -15.63 -32.31
CA ALA A 35 7.10 -14.83 -32.09
C ALA A 35 6.72 -13.36 -31.96
N VAL A 36 7.48 -12.62 -31.15
CA VAL A 36 7.23 -11.20 -30.98
C VAL A 36 8.51 -10.43 -31.23
N THR A 37 8.34 -9.16 -31.57
CA THR A 37 9.41 -8.21 -31.78
C THR A 37 9.61 -7.36 -30.52
N GLN A 38 10.74 -6.66 -30.49
CA GLN A 38 10.98 -5.68 -29.44
C GLN A 38 10.04 -4.50 -29.56
N ASN A 39 9.63 -4.12 -30.78
CA ASN A 39 8.71 -3.00 -30.89
C ASN A 39 7.33 -3.36 -30.35
N GLU A 40 6.91 -4.61 -30.50
CA GLU A 40 5.67 -5.04 -29.87
C GLU A 40 5.79 -5.01 -28.35
N LEU A 41 6.91 -5.50 -27.81
CA LEU A 41 7.11 -5.45 -26.36
C LEU A 41 7.21 -4.02 -25.87
N ASN A 42 7.84 -3.14 -26.66
CA ASN A 42 7.90 -1.72 -26.32
C ASN A 42 6.52 -1.08 -26.20
N SER A 43 5.52 -1.63 -26.86
CA SER A 43 4.18 -1.06 -26.83
C SER A 43 3.46 -1.28 -25.50
N ILE A 44 3.96 -2.15 -24.63
CA ILE A 44 3.22 -2.52 -23.43
C ILE A 44 3.39 -1.42 -22.37
N ASP A 45 2.28 -0.76 -22.01
CA ASP A 45 2.23 0.25 -20.97
C ASP A 45 1.66 -0.27 -19.66
N LEU A 46 0.74 -1.23 -19.74
CA LEU A 46 -0.03 -1.72 -18.59
C LEU A 46 -0.09 -3.23 -18.64
N ILE A 47 0.29 -3.87 -17.55
CA ILE A 47 0.05 -5.30 -17.38
C ILE A 47 -0.85 -5.46 -16.18
N SER A 48 -1.99 -6.11 -16.37
CA SER A 48 -2.89 -6.38 -15.27
C SER A 48 -3.17 -7.88 -15.27
N ALA A 49 -2.64 -8.58 -14.26
CA ALA A 49 -2.81 -10.02 -14.17
C ALA A 49 -2.99 -10.43 -12.71
N PRO A 50 -3.97 -9.84 -12.02
CA PRO A 50 -4.26 -10.32 -10.66
C PRO A 50 -4.69 -11.77 -10.67
N HIS A 51 -4.32 -12.49 -9.61
CA HIS A 51 -4.79 -13.86 -9.36
C HIS A 51 -4.67 -14.73 -10.61
N SER A 52 -3.49 -14.70 -11.24
CA SER A 52 -3.27 -15.36 -12.52
C SER A 52 -2.33 -16.56 -12.42
N ASP A 53 -1.98 -17.00 -11.20
CA ASP A 53 -1.10 -18.16 -11.03
C ASP A 53 0.30 -17.90 -11.61
N ILE A 54 0.75 -16.66 -11.64
CA ILE A 54 2.08 -16.34 -12.14
C ILE A 54 3.12 -16.69 -11.08
N LYS A 55 4.11 -17.48 -11.49
CA LYS A 55 5.16 -17.94 -10.60
C LYS A 55 6.51 -17.28 -10.88
N SER A 56 6.64 -16.60 -12.01
CA SER A 56 7.85 -15.83 -12.33
C SER A 56 7.50 -14.82 -13.40
N VAL A 57 8.10 -13.63 -13.32
CA VAL A 57 7.96 -12.62 -14.36
C VAL A 57 9.24 -12.51 -15.19
N GLN A 58 10.11 -13.52 -15.15
CA GLN A 58 11.22 -13.59 -16.09
C GLN A 58 10.75 -13.22 -17.50
N GLY A 59 11.50 -12.32 -18.14
CA GLY A 59 11.11 -11.75 -19.42
C GLY A 59 10.54 -10.34 -19.33
N ILE A 60 10.00 -9.95 -18.17
CA ILE A 60 9.40 -8.63 -18.02
C ILE A 60 10.45 -7.54 -18.19
N GLN A 61 11.71 -7.84 -17.92
CA GLN A 61 12.79 -6.87 -18.11
C GLN A 61 12.88 -6.35 -19.56
N TYR A 62 12.24 -7.03 -20.52
CA TYR A 62 12.22 -6.61 -21.92
C TYR A 62 11.11 -5.60 -22.22
N LEU A 63 10.40 -5.09 -21.19
CA LEU A 63 9.26 -4.21 -21.37
C LEU A 63 9.61 -2.81 -20.87
N PRO A 64 10.48 -2.07 -21.57
CA PRO A 64 11.02 -0.82 -21.00
C PRO A 64 9.96 0.22 -20.70
N ASN A 65 8.79 0.18 -21.35
CA ASN A 65 7.80 1.23 -21.20
C ASN A 65 6.66 0.85 -20.26
N VAL A 66 6.76 -0.29 -19.59
CA VAL A 66 5.70 -0.68 -18.69
C VAL A 66 5.64 0.31 -17.53
N ARG A 67 4.44 0.83 -17.28
CA ARG A 67 4.23 1.91 -16.34
C ARG A 67 3.33 1.50 -15.18
N LEU A 68 2.36 0.62 -15.42
CA LEU A 68 1.40 0.16 -14.42
C LEU A 68 1.49 -1.36 -14.39
N LEU A 69 1.77 -1.92 -13.20
CA LEU A 69 2.02 -3.34 -13.05
C LEU A 69 1.12 -3.87 -11.93
N TYR A 70 0.02 -4.53 -12.30
CA TYR A 70 -0.93 -5.07 -11.31
C TYR A 70 -0.74 -6.58 -11.24
N LEU A 71 0.04 -7.02 -10.25
CA LEU A 71 0.44 -8.42 -10.13
C LEU A 71 -0.04 -9.03 -8.82
N GLY A 72 -1.06 -8.43 -8.20
CA GLY A 72 -1.52 -8.91 -6.92
C GLY A 72 -2.10 -10.32 -7.02
N GLY A 73 -1.84 -11.11 -5.98
CA GLY A 73 -2.46 -12.41 -5.85
C GLY A 73 -1.85 -13.50 -6.69
N ASN A 74 -0.55 -13.43 -6.97
CA ASN A 74 0.12 -14.46 -7.73
C ASN A 74 1.04 -15.26 -6.81
N LYS A 75 2.07 -15.87 -7.37
CA LYS A 75 2.94 -16.74 -6.60
C LYS A 75 4.41 -16.35 -6.74
N LEU A 76 4.69 -15.06 -6.91
CA LEU A 76 6.06 -14.61 -7.05
C LEU A 76 6.83 -14.73 -5.74
N HIS A 77 8.07 -15.22 -5.82
CA HIS A 77 9.02 -15.16 -4.72
C HIS A 77 10.28 -14.39 -5.07
N ASP A 78 10.43 -13.99 -6.33
CA ASP A 78 11.61 -13.36 -6.92
C ASP A 78 11.08 -12.19 -7.76
N ILE A 79 11.68 -11.01 -7.60
CA ILE A 79 11.27 -9.86 -8.41
C ILE A 79 12.50 -9.18 -8.99
N SER A 80 13.61 -9.92 -9.11
CA SER A 80 14.85 -9.33 -9.61
C SER A 80 14.69 -8.75 -11.01
N ALA A 81 13.79 -9.28 -11.83
CA ALA A 81 13.70 -8.80 -13.20
C ALA A 81 12.97 -7.46 -13.32
N LEU A 82 12.44 -6.93 -12.22
CA LEU A 82 11.79 -5.62 -12.23
C LEU A 82 12.79 -4.48 -12.10
N LYS A 83 14.07 -4.79 -11.90
CA LYS A 83 15.00 -3.81 -11.35
C LYS A 83 15.14 -2.59 -12.24
N GLU A 84 15.07 -2.76 -13.57
CA GLU A 84 15.35 -1.64 -14.46
C GLU A 84 14.11 -1.22 -15.26
N LEU A 85 12.92 -1.49 -14.70
CA LEU A 85 11.69 -0.99 -15.31
C LEU A 85 11.46 0.45 -14.84
N THR A 86 12.28 1.35 -15.40
CA THR A 86 12.37 2.71 -14.84
C THR A 86 11.12 3.56 -15.08
N ASN A 87 10.19 3.13 -15.94
CA ASN A 87 8.98 3.92 -16.13
C ASN A 87 7.83 3.48 -15.23
N LEU A 88 8.08 2.55 -14.31
CA LEU A 88 7.04 2.12 -13.37
C LEU A 88 6.60 3.29 -12.48
N THR A 89 5.29 3.53 -12.44
CA THR A 89 4.69 4.43 -11.47
C THR A 89 3.82 3.70 -10.46
N THR A 90 3.28 2.54 -10.82
CA THR A 90 2.43 1.74 -9.95
C THR A 90 2.90 0.29 -9.99
N LEU A 91 3.27 -0.25 -8.83
CA LEU A 91 3.76 -1.61 -8.70
C LEU A 91 2.98 -2.30 -7.59
N ILE A 92 2.06 -3.19 -7.96
CA ILE A 92 1.24 -3.90 -7.00
C ILE A 92 1.71 -5.34 -6.95
N LEU A 93 2.34 -5.70 -5.82
CA LEU A 93 2.84 -7.06 -5.59
C LEU A 93 2.15 -7.71 -4.39
N SER A 94 1.04 -7.15 -3.94
CA SER A 94 0.31 -7.71 -2.81
C SER A 94 -0.07 -9.16 -3.09
N GLY A 95 -0.14 -9.97 -2.03
CA GLY A 95 -0.61 -11.33 -2.10
C GLY A 95 0.24 -12.27 -2.93
N ASN A 96 1.56 -12.18 -2.80
CA ASN A 96 2.46 -13.11 -3.46
C ASN A 96 3.19 -13.95 -2.41
N GLN A 97 4.40 -14.38 -2.72
CA GLN A 97 5.14 -15.22 -1.79
C GLN A 97 6.52 -14.65 -1.56
N LEU A 98 6.59 -13.34 -1.38
CA LEU A 98 7.88 -12.69 -1.13
C LEU A 98 8.25 -12.86 0.33
N GLN A 99 9.40 -13.48 0.59
CA GLN A 99 9.95 -13.55 1.94
C GLN A 99 10.98 -12.47 2.20
N SER A 100 11.57 -11.89 1.16
CA SER A 100 12.56 -10.85 1.35
C SER A 100 12.69 -10.09 0.03
N LEU A 101 13.38 -8.97 0.09
CA LEU A 101 13.57 -8.12 -1.05
C LEU A 101 15.05 -7.93 -1.30
N PRO A 102 15.50 -8.03 -2.56
CA PRO A 102 16.91 -7.76 -2.85
C PRO A 102 17.30 -6.39 -2.33
N ASN A 103 18.53 -6.26 -1.85
CA ASN A 103 19.04 -4.93 -1.55
C ASN A 103 19.03 -4.11 -2.83
N GLY A 104 18.51 -2.88 -2.73
CA GLY A 104 18.52 -1.97 -3.85
C GLY A 104 17.59 -2.33 -4.99
N VAL A 105 16.60 -3.18 -4.74
CA VAL A 105 15.73 -3.66 -5.83
C VAL A 105 14.94 -2.50 -6.44
N PHE A 106 14.52 -1.53 -5.63
CA PHE A 106 13.75 -0.40 -6.15
C PHE A 106 14.61 0.80 -6.55
N ASP A 107 15.94 0.70 -6.49
CA ASP A 107 16.78 1.90 -6.57
C ASP A 107 16.64 2.65 -7.89
N LYS A 108 16.27 1.99 -8.98
CA LYS A 108 16.14 2.65 -10.27
C LYS A 108 14.71 3.03 -10.60
N LEU A 109 13.76 2.65 -9.75
CA LEU A 109 12.34 2.88 -9.99
C LEU A 109 11.92 4.25 -9.44
N THR A 110 12.65 5.29 -9.83
CA THR A 110 12.49 6.58 -9.17
C THR A 110 11.17 7.28 -9.52
N ASN A 111 10.40 6.76 -10.49
CA ASN A 111 9.09 7.33 -10.76
C ASN A 111 7.96 6.62 -10.01
N LEU A 112 8.28 5.67 -9.16
CA LEU A 112 7.23 4.97 -8.43
C LEU A 112 6.43 5.95 -7.58
N LYS A 113 5.10 5.86 -7.69
CA LYS A 113 4.15 6.53 -6.81
C LYS A 113 3.48 5.57 -5.85
N VAL A 114 3.10 4.39 -6.32
CA VAL A 114 2.34 3.41 -5.56
C VAL A 114 3.15 2.13 -5.49
N LEU A 115 3.46 1.69 -4.28
CA LEU A 115 4.20 0.45 -4.07
C LEU A 115 3.46 -0.35 -3.03
N TRP A 116 2.77 -1.41 -3.45
CA TRP A 116 2.00 -2.24 -2.53
C TRP A 116 2.66 -3.61 -2.38
N LEU A 117 3.06 -3.92 -1.14
CA LEU A 117 3.78 -5.16 -0.85
C LEU A 117 3.05 -6.01 0.19
N SER A 118 1.75 -5.80 0.33
CA SER A 118 0.98 -6.37 1.43
C SER A 118 0.71 -7.85 1.20
N VAL A 119 0.36 -8.54 2.29
CA VAL A 119 -0.02 -9.95 2.23
C VAL A 119 1.09 -10.73 1.56
N ASN A 120 2.30 -10.58 2.07
CA ASN A 120 3.39 -11.42 1.62
C ASN A 120 3.92 -12.13 2.87
N GLN A 121 5.18 -12.49 2.88
CA GLN A 121 5.81 -13.06 4.06
C GLN A 121 7.15 -12.40 4.29
N LEU A 122 7.19 -11.08 4.10
CA LEU A 122 8.41 -10.33 4.33
C LEU A 122 8.81 -10.45 5.80
N GLN A 123 10.04 -10.92 6.02
CA GLN A 123 10.61 -11.04 7.36
C GLN A 123 11.38 -9.81 7.78
N SER A 124 11.89 -9.05 6.81
CA SER A 124 12.64 -7.85 7.12
C SER A 124 12.62 -6.96 5.89
N LEU A 125 13.02 -5.71 6.10
CA LEU A 125 13.24 -4.76 5.03
C LEU A 125 14.72 -4.45 4.96
N PRO A 126 15.34 -4.45 3.77
CA PRO A 126 16.75 -4.06 3.70
C PRO A 126 16.91 -2.59 4.07
N ASP A 127 18.05 -2.29 4.71
CA ASP A 127 18.43 -0.91 4.94
C ASP A 127 18.37 -0.14 3.64
N GLY A 128 17.75 1.04 3.69
CA GLY A 128 17.73 1.93 2.54
C GLY A 128 16.91 1.44 1.36
N VAL A 129 16.03 0.46 1.56
CA VAL A 129 15.32 -0.12 0.42
C VAL A 129 14.43 0.91 -0.29
N PHE A 130 13.93 1.92 0.42
CA PHE A 130 13.04 2.88 -0.23
C PHE A 130 13.73 4.22 -0.54
N ASP A 131 15.03 4.32 -0.29
CA ASP A 131 15.67 5.64 -0.28
C ASP A 131 15.57 6.36 -1.62
N LYS A 132 15.53 5.63 -2.73
CA LYS A 132 15.50 6.31 -4.02
C LYS A 132 14.09 6.67 -4.47
N LEU A 133 13.06 6.30 -3.71
CA LEU A 133 11.67 6.49 -4.16
C LEU A 133 11.13 7.83 -3.69
N THR A 134 11.79 8.90 -4.14
CA THR A 134 11.46 10.23 -3.62
C THR A 134 10.08 10.69 -4.02
N ASN A 135 9.48 10.11 -5.06
CA ASN A 135 8.13 10.50 -5.45
C ASN A 135 7.04 9.60 -4.88
N LEU A 136 7.39 8.59 -4.08
CA LEU A 136 6.38 7.67 -3.55
C LEU A 136 5.30 8.41 -2.77
N THR A 137 4.03 8.10 -3.07
CA THR A 137 2.91 8.63 -2.30
C THR A 137 2.15 7.57 -1.51
N SER A 138 2.21 6.29 -1.90
CA SER A 138 1.54 5.26 -1.12
C SER A 138 2.44 4.03 -0.99
N LEU A 139 2.60 3.59 0.25
CA LEU A 139 3.39 2.40 0.58
C LEU A 139 2.55 1.53 1.50
N ARG A 140 2.28 0.30 1.07
CA ARG A 140 1.50 -0.65 1.85
C ARG A 140 2.32 -1.89 2.13
N LEU A 141 2.46 -2.24 3.42
CA LEU A 141 3.21 -3.41 3.90
C LEU A 141 2.37 -4.25 4.85
N HIS A 142 1.06 -4.10 4.77
CA HIS A 142 0.07 -4.80 5.58
C HIS A 142 0.24 -6.31 5.46
N ARG A 143 0.03 -7.03 6.56
CA ARG A 143 0.01 -8.50 6.56
C ARG A 143 1.32 -9.09 6.03
N ASN A 144 2.39 -8.80 6.76
CA ASN A 144 3.69 -9.44 6.56
C ASN A 144 4.15 -9.88 7.94
N GLN A 145 5.45 -10.10 8.10
CA GLN A 145 5.99 -10.58 9.36
C GLN A 145 7.16 -9.72 9.81
N LEU A 146 7.06 -8.41 9.61
CA LEU A 146 8.07 -7.48 10.10
C LEU A 146 8.01 -7.42 11.63
N GLN A 147 9.16 -7.58 12.28
CA GLN A 147 9.20 -7.39 13.72
C GLN A 147 9.96 -6.13 14.13
N SER A 148 10.73 -5.55 13.21
CA SER A 148 11.38 -4.28 13.42
C SER A 148 11.57 -3.62 12.06
N LEU A 149 11.91 -2.34 12.10
CA LEU A 149 12.20 -1.58 10.89
C LEU A 149 13.59 -0.97 10.97
N PRO A 150 14.29 -0.84 9.85
CA PRO A 150 15.59 -0.16 9.89
C PRO A 150 15.41 1.30 10.24
N LYS A 151 16.33 1.81 11.06
CA LYS A 151 16.33 3.23 11.38
C LYS A 151 16.34 4.09 10.12
N GLY A 152 15.43 5.06 10.06
CA GLY A 152 15.34 5.94 8.91
C GLY A 152 14.76 5.35 7.63
N VAL A 153 14.08 4.21 7.71
CA VAL A 153 13.67 3.51 6.49
C VAL A 153 12.70 4.34 5.64
N PHE A 154 11.94 5.28 6.23
CA PHE A 154 11.02 6.09 5.44
C PHE A 154 11.51 7.52 5.20
N ASP A 155 12.73 7.84 5.64
CA ASP A 155 13.16 9.23 5.72
C ASP A 155 13.18 9.92 4.37
N LYS A 156 13.38 9.19 3.28
CA LYS A 156 13.43 9.84 1.97
C LYS A 156 12.06 10.00 1.33
N LEU A 157 11.02 9.49 1.95
CA LEU A 157 9.68 9.48 1.34
C LEU A 157 8.89 10.73 1.75
N THR A 158 9.46 11.90 1.43
CA THR A 158 8.88 13.16 1.90
C THR A 158 7.50 13.43 1.31
N ASN A 159 7.14 12.80 0.19
CA ASN A 159 5.81 12.98 -0.38
C ASN A 159 4.82 11.91 0.04
N LEU A 160 5.21 11.01 0.94
CA LEU A 160 4.33 9.90 1.28
C LEU A 160 3.02 10.41 1.82
N THR A 161 1.91 9.92 1.25
CA THR A 161 0.58 10.24 1.72
C THR A 161 -0.09 9.09 2.48
N VAL A 162 0.18 7.84 2.12
CA VAL A 162 -0.42 6.68 2.77
C VAL A 162 0.68 5.70 3.14
N LEU A 163 0.64 5.21 4.39
CA LEU A 163 1.63 4.25 4.89
C LEU A 163 0.87 3.20 5.67
N ARG A 164 0.89 1.95 5.21
CA ARG A 164 0.13 0.89 5.89
C ARG A 164 1.10 -0.14 6.48
N LEU A 165 1.14 -0.20 7.81
CA LEU A 165 2.04 -1.08 8.54
C LEU A 165 1.29 -2.06 9.42
N SER A 166 -0.02 -2.21 9.21
CA SER A 166 -0.83 -3.05 10.09
C SER A 166 -0.57 -4.53 9.82
N GLU A 167 -1.03 -5.36 10.76
CA GLU A 167 -0.93 -6.82 10.69
C GLU A 167 0.49 -7.26 10.37
N ASN A 168 1.43 -6.71 11.13
CA ASN A 168 2.78 -7.23 11.15
C ASN A 168 3.06 -7.80 12.53
N GLN A 169 4.33 -7.90 12.90
CA GLN A 169 4.70 -8.33 14.23
C GLN A 169 5.59 -7.30 14.90
N LEU A 170 5.34 -6.03 14.61
CA LEU A 170 6.22 -4.97 15.04
C LEU A 170 6.34 -4.95 16.56
N GLN A 171 7.57 -5.09 17.05
CA GLN A 171 7.84 -4.99 18.46
C GLN A 171 8.15 -3.57 18.90
N SER A 172 8.59 -2.73 17.98
CA SER A 172 8.93 -1.37 18.36
C SER A 172 9.07 -0.55 17.09
N LEU A 173 8.94 0.78 17.24
CA LEU A 173 9.17 1.73 16.17
C LEU A 173 10.50 2.43 16.41
N PRO A 174 11.33 2.62 15.38
CA PRO A 174 12.58 3.37 15.58
C PRO A 174 12.28 4.81 15.95
N GLU A 175 13.12 5.36 16.83
CA GLU A 175 13.00 6.77 17.16
C GLU A 175 13.14 7.60 15.88
N GLY A 176 12.25 8.58 15.72
CA GLY A 176 12.26 9.46 14.56
C GLY A 176 11.69 8.88 13.29
N VAL A 177 11.11 7.68 13.35
CA VAL A 177 10.81 6.91 12.14
C VAL A 177 9.85 7.67 11.21
N PHE A 178 8.95 8.50 11.76
CA PHE A 178 8.00 9.21 10.92
C PHE A 178 8.37 10.67 10.74
N ASP A 179 9.56 11.10 11.18
CA ASP A 179 9.84 12.53 11.31
C ASP A 179 9.83 13.26 9.98
N LYS A 180 10.14 12.58 8.88
CA LYS A 180 10.15 13.28 7.59
C LYS A 180 8.81 13.24 6.87
N LEU A 181 7.81 12.53 7.38
CA LEU A 181 6.59 12.30 6.61
C LEU A 181 5.55 13.40 6.85
N THR A 182 5.94 14.66 6.57
CA THR A 182 5.05 15.76 6.90
C THR A 182 3.81 15.84 6.01
N GLN A 183 3.78 15.12 4.89
CA GLN A 183 2.59 15.03 4.04
C GLN A 183 1.73 13.81 4.35
N LEU A 184 2.15 12.98 5.30
CA LEU A 184 1.44 11.72 5.56
C LEU A 184 0.04 12.05 6.07
N LYS A 185 -0.96 11.45 5.43
CA LYS A 185 -2.36 11.61 5.79
C LYS A 185 -2.98 10.38 6.43
N VAL A 186 -2.54 9.19 6.05
CA VAL A 186 -3.13 7.92 6.49
C VAL A 186 -2.02 7.00 7.02
N LEU A 187 -2.14 6.59 8.28
CA LEU A 187 -1.14 5.72 8.91
C LEU A 187 -1.84 4.57 9.63
N TRP A 188 -1.64 3.32 9.15
CA TRP A 188 -2.10 2.12 9.87
C TRP A 188 -0.97 1.53 10.70
N LEU A 189 -1.21 1.38 12.01
CA LEU A 189 -0.30 0.62 12.87
C LEU A 189 -1.02 -0.46 13.68
N GLY A 190 -2.28 -0.77 13.38
CA GLY A 190 -3.01 -1.73 14.19
C GLY A 190 -2.56 -3.16 13.98
N ARG A 191 -2.86 -4.01 14.97
CA ARG A 191 -2.54 -5.44 14.94
C ARG A 191 -1.04 -5.67 14.76
N ASN A 192 -0.28 -5.11 15.70
CA ASN A 192 1.14 -5.36 15.81
C ASN A 192 1.45 -5.74 17.26
N GLN A 193 2.72 -5.78 17.66
CA GLN A 193 3.06 -6.16 19.02
C GLN A 193 3.66 -4.97 19.77
N LEU A 194 3.17 -3.78 19.49
CA LEU A 194 3.75 -2.58 20.07
C LEU A 194 3.28 -2.44 21.52
N LYS A 195 4.25 -2.32 22.43
CA LYS A 195 3.91 -1.98 23.80
C LYS A 195 4.07 -0.49 24.10
N SER A 196 4.83 0.23 23.27
CA SER A 196 5.05 1.66 23.44
C SER A 196 5.42 2.26 22.09
N VAL A 197 5.41 3.58 22.02
CA VAL A 197 6.01 4.31 20.90
C VAL A 197 7.08 5.23 21.46
N PRO A 198 8.03 5.68 20.63
CA PRO A 198 8.98 6.70 21.08
C PRO A 198 8.25 8.01 21.40
N ASP A 199 8.73 8.70 22.44
CA ASP A 199 8.17 10.00 22.77
C ASP A 199 8.26 10.92 21.56
N GLY A 200 7.17 11.62 21.26
CA GLY A 200 7.13 12.52 20.12
C GLY A 200 7.08 11.87 18.75
N VAL A 201 6.86 10.56 18.67
CA VAL A 201 6.97 9.89 17.36
C VAL A 201 6.01 10.43 16.30
N PHE A 202 4.88 11.02 16.71
CA PHE A 202 3.89 11.49 15.75
C PHE A 202 3.94 13.00 15.51
N ASP A 203 4.85 13.72 16.17
CA ASP A 203 4.79 15.17 16.29
C ASP A 203 5.17 15.91 15.01
N ARG A 204 5.73 15.25 14.02
CA ARG A 204 5.94 15.90 12.74
C ARG A 204 4.87 15.55 11.73
N LEU A 205 3.89 14.74 12.12
CA LEU A 205 2.85 14.29 11.18
C LEU A 205 1.70 15.30 11.12
N THR A 206 2.03 16.50 10.67
CA THR A 206 1.07 17.61 10.71
C THR A 206 -0.01 17.55 9.62
N SER A 207 0.06 16.61 8.68
CA SER A 207 -1.04 16.40 7.75
C SER A 207 -1.88 15.19 8.11
N LEU A 208 -1.53 14.47 9.18
CA LEU A 208 -2.19 13.22 9.49
C LEU A 208 -3.68 13.44 9.73
N GLN A 209 -4.51 12.62 9.08
CA GLN A 209 -5.96 12.67 9.21
C GLN A 209 -6.54 11.40 9.81
N TYR A 210 -5.87 10.26 9.63
CA TYR A 210 -6.36 8.97 10.05
C TYR A 210 -5.20 8.15 10.58
N ILE A 211 -5.38 7.53 11.74
CA ILE A 211 -4.39 6.62 12.28
C ILE A 211 -5.11 5.46 12.93
N TRP A 212 -4.54 4.27 12.75
CA TRP A 212 -5.04 3.05 13.39
C TRP A 212 -4.02 2.59 14.43
N LEU A 213 -4.44 2.47 15.69
CA LEU A 213 -3.57 2.01 16.78
C LEU A 213 -4.10 0.79 17.53
N HIS A 214 -5.21 0.22 17.09
CA HIS A 214 -5.91 -0.84 17.81
C HIS A 214 -5.13 -2.15 17.76
N ASP A 215 -5.45 -3.05 18.70
CA ASP A 215 -4.87 -4.39 18.75
C ASP A 215 -3.35 -4.33 18.84
N ASN A 216 -2.87 -3.44 19.71
CA ASN A 216 -1.52 -3.46 20.19
C ASN A 216 -1.54 -3.60 21.71
N PRO A 217 -0.62 -4.38 22.28
CA PRO A 217 -0.53 -4.56 23.75
C PRO A 217 0.13 -3.37 24.44
N TRP A 218 -0.54 -2.22 24.37
CA TRP A 218 0.02 -0.99 24.93
C TRP A 218 0.31 -1.16 26.42
N ASP A 219 1.55 -0.86 26.82
CA ASP A 219 1.93 -0.85 28.23
C ASP A 219 1.51 0.48 28.85
N CYS A 220 0.43 0.47 29.64
CA CYS A 220 -0.10 1.72 30.18
C CYS A 220 0.43 2.07 31.55
N THR A 221 1.66 1.72 31.88
CA THR A 221 2.25 2.17 33.13
C THR A 221 2.87 3.56 32.94
N CYS A 222 2.85 4.34 34.03
CA CYS A 222 3.46 5.67 33.94
C CYS A 222 4.92 5.60 34.36
N PRO A 223 5.79 6.47 33.81
CA PRO A 223 5.45 7.58 32.92
C PRO A 223 5.49 7.22 31.44
N GLY A 224 5.76 5.96 31.12
CA GLY A 224 6.00 5.59 29.73
C GLY A 224 4.82 5.90 28.82
N ILE A 225 3.60 5.74 29.33
CA ILE A 225 2.41 5.92 28.50
C ILE A 225 2.00 7.37 28.31
N ARG A 226 2.70 8.32 28.95
CA ARG A 226 2.21 9.70 28.98
C ARG A 226 2.05 10.28 27.59
N TYR A 227 3.06 10.14 26.73
CA TYR A 227 2.98 10.78 25.42
C TYR A 227 1.84 10.22 24.59
N LEU A 228 1.70 8.90 24.54
CA LEU A 228 0.66 8.34 23.68
C LEU A 228 -0.72 8.69 24.19
N SER A 229 -0.91 8.64 25.51
CA SER A 229 -2.19 9.05 26.10
C SER A 229 -2.52 10.50 25.78
N GLU A 230 -1.56 11.40 25.99
CA GLU A 230 -1.81 12.80 25.71
C GLU A 230 -1.99 13.05 24.23
N TRP A 231 -1.25 12.32 23.38
CA TRP A 231 -1.42 12.50 21.94
C TRP A 231 -2.85 12.13 21.52
N ILE A 232 -3.30 10.94 21.90
CA ILE A 232 -4.65 10.52 21.52
C ILE A 232 -5.69 11.53 22.00
N ASN A 233 -5.55 12.01 23.24
CA ASN A 233 -6.51 12.99 23.76
C ASN A 233 -6.48 14.27 22.92
N LYS A 234 -5.33 14.64 22.40
CA LYS A 234 -5.22 15.83 21.57
C LYS A 234 -5.52 15.56 20.10
N HIS A 235 -5.77 14.30 19.73
CA HIS A 235 -6.01 13.91 18.34
C HIS A 235 -7.15 12.90 18.28
N SER A 236 -8.18 13.11 19.11
CA SER A 236 -9.21 12.11 19.32
C SER A 236 -10.07 11.88 18.08
N GLY A 237 -10.13 12.83 17.16
CA GLY A 237 -10.83 12.64 15.91
C GLY A 237 -9.99 11.97 14.82
N VAL A 238 -8.71 11.75 15.07
CA VAL A 238 -7.81 11.16 14.09
C VAL A 238 -7.76 9.63 14.19
N VAL A 239 -8.06 9.09 15.37
CA VAL A 239 -7.90 7.66 15.63
C VAL A 239 -9.14 6.93 15.13
N ARG A 240 -8.93 5.85 14.40
CA ARG A 240 -10.00 5.08 13.77
C ARG A 240 -9.91 3.65 14.25
N ASN A 241 -11.07 2.99 14.39
CA ASN A 241 -11.06 1.59 14.76
C ASN A 241 -10.98 0.74 13.49
N SER A 242 -10.86 -0.58 13.62
CA SER A 242 -10.74 -1.41 12.43
C SER A 242 -11.94 -1.28 11.51
N ALA A 243 -13.12 -0.98 12.05
CA ALA A 243 -14.30 -0.76 11.22
C ALA A 243 -14.22 0.54 10.43
N GLY A 244 -13.30 1.44 10.77
CA GLY A 244 -13.14 2.66 10.03
C GLY A 244 -13.78 3.87 10.67
N SER A 245 -14.32 3.76 11.87
CA SER A 245 -14.96 4.89 12.51
C SER A 245 -14.01 5.54 13.51
N VAL A 246 -14.26 6.84 13.76
CA VAL A 246 -13.59 7.58 14.82
C VAL A 246 -13.78 6.83 16.13
N ALA A 247 -12.68 6.47 16.78
CA ALA A 247 -12.74 5.67 18.00
C ALA A 247 -11.47 5.86 18.80
N PRO A 248 -11.29 7.00 19.45
CA PRO A 248 -10.07 7.20 20.24
C PRO A 248 -9.89 6.14 21.33
N ASP A 249 -10.96 5.48 21.76
CA ASP A 249 -10.84 4.46 22.80
C ASP A 249 -10.37 3.12 22.26
N SER A 250 -10.15 3.04 20.94
CA SER A 250 -9.74 1.81 20.24
C SER A 250 -8.33 1.36 20.63
N ALA A 251 -7.49 2.28 21.08
CA ALA A 251 -6.17 1.93 21.58
C ALA A 251 -6.32 1.55 23.06
N LYS A 252 -6.13 0.26 23.37
CA LYS A 252 -6.42 -0.32 24.67
C LYS A 252 -5.17 -0.77 25.39
N CYS A 253 -5.15 -0.57 26.71
CA CYS A 253 -4.10 -1.08 27.57
C CYS A 253 -4.11 -2.60 27.60
N SER A 254 -2.94 -3.22 27.55
CA SER A 254 -2.89 -4.65 27.74
C SER A 254 -3.25 -4.99 29.19
N GLY A 255 -3.85 -6.16 29.39
CA GLY A 255 -4.26 -6.58 30.72
C GLY A 255 -5.61 -6.03 31.13
N SER A 256 -5.68 -4.75 31.40
CA SER A 256 -6.93 -4.14 31.86
C SER A 256 -7.92 -3.93 30.72
N GLY A 257 -7.45 -3.65 29.51
CA GLY A 257 -8.36 -3.31 28.44
C GLY A 257 -8.94 -1.91 28.51
N LYS A 258 -8.53 -1.11 29.48
CA LYS A 258 -8.98 0.26 29.54
C LYS A 258 -8.38 1.06 28.37
N PRO A 259 -9.07 2.10 27.92
CA PRO A 259 -8.53 2.90 26.82
C PRO A 259 -7.24 3.60 27.22
N VAL A 260 -6.25 3.57 26.32
CA VAL A 260 -4.98 4.25 26.60
C VAL A 260 -5.24 5.70 27.00
N ARG A 261 -6.16 6.37 26.30
CA ARG A 261 -6.35 7.80 26.53
C ARG A 261 -6.98 8.10 27.89
N SER A 262 -7.51 7.08 28.58
CA SER A 262 -8.09 7.24 29.91
C SER A 262 -7.02 7.32 30.99
N ILE A 263 -5.77 6.97 30.69
CA ILE A 263 -4.72 6.91 31.69
C ILE A 263 -4.17 8.32 31.93
N ILE A 264 -4.03 8.68 33.20
CA ILE A 264 -3.51 9.98 33.60
C ILE A 264 -2.26 9.74 34.42
N CYS A 265 -1.16 10.35 34.01
CA CYS A 265 -0.01 10.03 34.86
C CYS A 265 0.27 11.16 35.83
N PRO A 266 0.64 10.86 37.08
CA PRO A 266 0.85 11.90 38.10
C PRO A 266 1.84 12.98 37.66
N GLN B 1 -22.56 -16.02 -8.49
CA GLN B 1 -21.34 -16.82 -8.58
C GLN B 1 -20.19 -15.98 -9.09
N CYS B 2 -19.29 -15.57 -8.20
CA CYS B 2 -18.18 -14.73 -8.60
C CYS B 2 -16.90 -15.15 -7.91
N SER B 3 -15.86 -15.40 -8.70
CA SER B 3 -14.60 -15.86 -8.14
C SER B 3 -13.75 -14.72 -7.57
N GLN B 4 -13.85 -13.51 -8.11
CA GLN B 4 -13.03 -12.42 -7.60
C GLN B 4 -13.94 -11.34 -7.03
N PHE B 5 -14.15 -10.22 -7.71
CA PHE B 5 -14.86 -9.09 -7.11
C PHE B 5 -16.18 -8.85 -7.84
N LEU B 6 -17.13 -8.25 -7.14
CA LEU B 6 -18.44 -7.94 -7.69
C LEU B 6 -18.65 -6.43 -7.71
N ARG B 7 -19.03 -5.89 -8.87
CA ARG B 7 -19.57 -4.55 -8.97
C ARG B 7 -21.05 -4.70 -9.34
N GLY B 8 -21.92 -4.45 -8.36
CA GLY B 8 -23.33 -4.78 -8.54
C GLY B 8 -23.47 -6.27 -8.78
N GLN B 9 -24.01 -6.62 -9.96
CA GLN B 9 -24.18 -8.01 -10.35
C GLN B 9 -23.09 -8.48 -11.32
N GLU B 10 -22.09 -7.65 -11.57
CA GLU B 10 -21.07 -7.94 -12.56
C GLU B 10 -19.82 -8.51 -11.88
N CYS B 11 -19.27 -9.58 -12.43
CA CYS B 11 -18.03 -10.14 -11.95
C CYS B 11 -16.86 -9.45 -12.63
N VAL B 12 -15.97 -8.88 -11.83
CA VAL B 12 -14.84 -8.12 -12.36
C VAL B 12 -13.58 -8.58 -11.66
N GLU B 13 -12.44 -8.41 -12.36
CA GLU B 13 -11.15 -8.81 -11.84
C GLU B 13 -10.55 -7.77 -10.88
N GLU B 14 -10.98 -6.52 -10.96
CA GLU B 14 -10.39 -5.42 -10.22
C GLU B 14 -11.49 -4.42 -9.89
N CYS B 15 -11.30 -3.64 -8.84
CA CYS B 15 -12.14 -2.47 -8.62
C CYS B 15 -11.34 -1.22 -8.96
N ARG B 16 -12.05 -0.09 -9.04
CA ARG B 16 -11.44 1.17 -9.42
C ARG B 16 -10.79 1.86 -8.21
N VAL B 17 -9.81 1.16 -7.61
CA VAL B 17 -9.14 1.65 -6.42
C VAL B 17 -8.17 2.77 -6.74
N LEU B 18 -7.37 2.62 -7.80
CA LEU B 18 -6.31 3.57 -8.13
C LEU B 18 -6.56 4.33 -9.43
N GLN B 19 -7.44 3.84 -10.29
CA GLN B 19 -7.81 4.55 -11.50
C GLN B 19 -9.22 4.13 -11.89
N GLY B 20 -9.80 4.88 -12.81
CA GLY B 20 -11.20 4.70 -13.18
C GLY B 20 -12.12 5.50 -12.29
N LEU B 21 -13.31 5.81 -12.84
CA LEU B 21 -14.29 6.66 -12.19
C LEU B 21 -15.67 6.03 -12.23
N PRO B 22 -16.45 6.10 -11.15
CA PRO B 22 -16.09 6.67 -9.84
C PRO B 22 -15.04 5.80 -9.14
N ARG B 23 -14.20 6.43 -8.33
CA ARG B 23 -13.24 5.65 -7.56
C ARG B 23 -13.98 4.81 -6.53
N GLU B 24 -13.38 3.68 -6.16
CA GLU B 24 -14.06 2.70 -5.35
C GLU B 24 -13.18 2.25 -4.20
N TYR B 25 -13.83 1.66 -3.22
CA TYR B 25 -13.18 0.88 -2.18
C TYR B 25 -13.81 -0.51 -2.21
N VAL B 26 -13.25 -1.45 -1.47
CA VAL B 26 -13.72 -2.83 -1.49
C VAL B 26 -14.23 -3.19 -0.10
N ASN B 27 -15.38 -3.83 -0.05
CA ASN B 27 -15.89 -4.42 1.18
C ASN B 27 -16.42 -5.82 0.87
N ALA B 28 -15.84 -6.83 1.51
CA ALA B 28 -16.26 -8.23 1.29
C ALA B 28 -16.34 -8.56 -0.20
N ARG B 29 -15.28 -8.19 -0.93
CA ARG B 29 -15.14 -8.47 -2.36
C ARG B 29 -16.18 -7.77 -3.23
N HIS B 30 -16.84 -6.73 -2.71
CA HIS B 30 -17.71 -5.85 -3.50
C HIS B 30 -16.99 -4.55 -3.80
N CYS B 31 -16.99 -4.15 -5.07
CA CYS B 31 -16.58 -2.81 -5.46
C CYS B 31 -17.70 -1.83 -5.10
N LEU B 32 -17.35 -0.81 -4.33
CA LEU B 32 -18.33 0.20 -3.95
C LEU B 32 -17.76 1.60 -4.19
N PRO B 33 -18.57 2.54 -4.65
CA PRO B 33 -18.04 3.88 -4.92
C PRO B 33 -17.75 4.64 -3.63
N CYS B 34 -16.60 5.31 -3.61
CA CYS B 34 -16.28 6.31 -2.62
C CYS B 34 -17.39 7.36 -2.57
N HIS B 35 -17.54 8.00 -1.43
CA HIS B 35 -18.48 9.10 -1.36
C HIS B 35 -18.18 10.10 -2.48
N PRO B 36 -19.19 10.67 -3.14
CA PRO B 36 -18.92 11.59 -4.24
C PRO B 36 -18.19 12.86 -3.82
N GLU B 37 -18.09 13.18 -2.53
CA GLU B 37 -17.33 14.36 -2.16
C GLU B 37 -15.84 14.07 -1.96
N CYS B 38 -15.38 12.84 -2.12
CA CYS B 38 -13.94 12.62 -2.04
C CYS B 38 -13.33 12.90 -3.41
N GLN B 39 -12.23 13.65 -3.40
CA GLN B 39 -11.52 13.96 -4.64
C GLN B 39 -10.74 12.74 -5.14
N PRO B 40 -10.97 12.29 -6.36
CA PRO B 40 -10.17 11.18 -6.90
C PRO B 40 -8.68 11.47 -6.79
N GLN B 41 -7.94 10.50 -6.27
CA GLN B 41 -6.51 10.68 -6.04
C GLN B 41 -5.69 9.96 -7.10
N ASN B 42 -4.56 10.58 -7.40
CA ASN B 42 -3.53 10.04 -8.28
C ASN B 42 -2.32 9.73 -7.41
N GLY B 43 -2.07 8.46 -7.18
CA GLY B 43 -0.99 8.05 -6.30
C GLY B 43 -1.44 7.47 -4.97
N SER B 44 -2.73 7.24 -4.80
CA SER B 44 -3.23 6.63 -3.57
C SER B 44 -4.70 6.28 -3.80
N VAL B 45 -5.24 5.47 -2.90
CA VAL B 45 -6.68 5.23 -2.95
C VAL B 45 -7.35 6.57 -2.74
N THR B 46 -8.65 6.62 -3.05
CA THR B 46 -9.43 7.84 -2.91
C THR B 46 -10.27 7.86 -1.63
N CYS B 47 -10.56 6.69 -1.04
CA CYS B 47 -11.39 6.52 0.15
C CYS B 47 -10.89 5.28 0.87
N PHE B 48 -11.21 5.13 2.16
CA PHE B 48 -11.05 3.80 2.77
C PHE B 48 -12.38 3.27 3.28
N GLY B 49 -13.47 3.99 3.02
CA GLY B 49 -14.80 3.53 3.34
C GLY B 49 -15.86 4.36 2.66
N PRO B 50 -17.13 4.06 2.97
CA PRO B 50 -18.24 4.69 2.22
C PRO B 50 -18.46 6.17 2.52
N GLU B 51 -18.00 6.66 3.67
CA GLU B 51 -18.52 7.91 4.22
C GLU B 51 -17.71 9.11 3.74
N ALA B 52 -18.34 10.28 3.86
CA ALA B 52 -17.75 11.58 3.50
C ALA B 52 -16.67 12.02 4.45
N ASP B 53 -16.41 11.29 5.54
CA ASP B 53 -15.28 11.55 6.42
C ASP B 53 -14.23 10.44 6.32
N GLN B 54 -14.21 9.70 5.21
CA GLN B 54 -13.19 8.69 4.98
C GLN B 54 -12.49 8.93 3.65
N CYS B 55 -12.48 10.17 3.18
CA CYS B 55 -11.77 10.49 1.94
C CYS B 55 -10.33 10.89 2.24
N VAL B 56 -9.47 10.67 1.26
CA VAL B 56 -8.10 11.17 1.43
C VAL B 56 -8.10 12.69 1.30
N ALA B 57 -8.95 13.23 0.43
CA ALA B 57 -9.06 14.67 0.23
C ALA B 57 -10.46 14.98 -0.27
N CYS B 58 -10.93 16.20 -0.01
CA CYS B 58 -12.28 16.57 -0.38
C CYS B 58 -12.30 17.24 -1.75
N ALA B 59 -13.35 16.95 -2.52
CA ALA B 59 -13.46 17.52 -3.85
C ALA B 59 -13.81 19.00 -3.81
N HIS B 60 -14.57 19.45 -2.80
CA HIS B 60 -15.03 20.84 -2.78
C HIS B 60 -14.68 21.50 -1.46
N TYR B 61 -15.60 21.49 -0.49
CA TYR B 61 -15.35 22.08 0.81
C TYR B 61 -15.20 20.98 1.86
N LYS B 62 -14.69 21.37 3.04
CA LYS B 62 -14.55 20.45 4.15
C LYS B 62 -15.16 21.08 5.39
N ASP B 63 -16.05 20.33 6.04
CA ASP B 63 -16.67 20.72 7.30
C ASP B 63 -16.23 19.65 8.28
N PRO B 64 -15.05 19.81 8.89
CA PRO B 64 -14.37 18.68 9.52
C PRO B 64 -15.29 17.92 10.46
N PRO B 65 -15.32 16.58 10.36
CA PRO B 65 -14.41 15.83 9.50
C PRO B 65 -14.92 15.46 8.10
N PHE B 66 -15.99 16.10 7.63
CA PHE B 66 -16.69 15.67 6.42
C PHE B 66 -16.32 16.52 5.21
N CYS B 67 -16.16 15.87 4.06
CA CYS B 67 -16.13 16.62 2.81
C CYS B 67 -17.56 16.94 2.40
N VAL B 68 -17.77 18.18 1.95
CA VAL B 68 -19.11 18.69 1.68
C VAL B 68 -19.14 19.48 0.38
N ALA B 69 -20.30 19.39 -0.28
CA ALA B 69 -20.53 20.09 -1.54
C ALA B 69 -20.58 21.60 -1.36
N ARG B 70 -21.18 22.09 -0.29
CA ARG B 70 -21.40 23.52 -0.19
C ARG B 70 -20.58 24.13 0.95
N CYS B 71 -20.16 25.37 0.73
CA CYS B 71 -19.39 26.13 1.70
C CYS B 71 -20.05 26.06 3.08
N PRO B 72 -19.33 25.59 4.10
CA PRO B 72 -20.01 25.54 5.40
C PRO B 72 -20.45 26.93 5.89
#